data_4G34
#
_entry.id   4G34
#
_cell.length_a   101.460
_cell.length_b   101.460
_cell.length_c   158.312
_cell.angle_alpha   90.00
_cell.angle_beta   90.00
_cell.angle_gamma   120.00
#
_symmetry.space_group_name_H-M   'P 61 2 2'
#
loop_
_entity.id
_entity.type
_entity.pdbx_description
1 polymer 'Eukaryotic translation initiation factor 2-alpha kinase 3'
2 non-polymer 1-[5-(4-aminothieno[3,2-c]pyridin-3-yl)-2,3-dihydro-1H-indol-1-yl]-2-phenylethanone
3 water water
#
_entity_poly.entity_id   1
_entity_poly.type   'polypeptide(L)'
_entity_poly.pdbx_seq_one_letter_code
;GRYLTDFEPIQCLGRGGFGVVFEAKNKVDDCNYAIKRIRLPNRELAREKVMREVKALAKLEHPGIVRYFNAWLEKNTTEK
LQPSSPKVYLYIQMQLCRKENLKDWMNGRCTIEERERSVCLHIFLQIAEAVEFLHSKGLMHRDLKPSNIFFTMDDVVKVG
DFGLVTAMDQDEEEQTVLTPMPAYARHTGQVGTKLYMSPEQIHGNSYSHKVDIFSLGLILFELLYPFSTQMERVRTLTDV
RNLKFPPLFTQKYPCEYVMVQDMLSPSPMERPEAINIIENAVFEDLDFPGKTVLRQRSR
;
_entity_poly.pdbx_strand_id   A
#
loop_
_chem_comp.id
_chem_comp.type
_chem_comp.name
_chem_comp.formula
924 non-polymer 1-[5-(4-aminothieno[3,2-c]pyridin-3-yl)-2,3-dihydro-1H-indol-1-yl]-2-phenylethanone 'C23 H19 N3 O S'
#
# COMPACT_ATOMS: atom_id res chain seq x y z
N GLY A 1 25.11 -3.12 17.77
CA GLY A 1 24.04 -4.04 18.29
C GLY A 1 23.79 -5.22 17.37
N ARG A 2 22.64 -5.87 17.56
CA ARG A 2 22.27 -7.03 16.77
C ARG A 2 22.29 -6.76 15.27
N TYR A 3 21.79 -5.60 14.87
CA TYR A 3 21.77 -5.21 13.47
C TYR A 3 23.16 -5.22 12.82
N LEU A 4 24.15 -4.60 13.47
CA LEU A 4 25.51 -4.54 12.92
C LEU A 4 26.23 -5.88 12.99
N THR A 5 25.91 -6.66 14.02
CA THR A 5 26.58 -7.94 14.27
C THR A 5 26.07 -9.05 13.34
N ASP A 6 24.76 -9.15 13.21
CA ASP A 6 24.13 -10.25 12.50
C ASP A 6 23.81 -9.97 11.02
N PHE A 7 23.92 -8.72 10.60
CA PHE A 7 23.58 -8.32 9.23
C PHE A 7 24.69 -7.53 8.51
N GLU A 8 24.74 -7.68 7.20
CA GLU A 8 25.55 -6.82 6.33
C GLU A 8 24.62 -5.86 5.56
N PRO A 9 24.76 -4.54 5.79
CA PRO A 9 23.93 -3.58 5.06
C PRO A 9 24.28 -3.54 3.58
N ILE A 10 23.27 -3.50 2.73
CA ILE A 10 23.45 -3.44 1.28
C ILE A 10 23.15 -2.03 0.77
N GLN A 11 21.98 -1.51 1.10
CA GLN A 11 21.54 -0.18 0.65
C GLN A 11 20.35 0.33 1.46
N CYS A 12 20.04 1.61 1.31
CA CYS A 12 18.84 2.21 1.88
C CYS A 12 17.68 2.10 0.87
N LEU A 13 16.54 1.61 1.34
CA LEU A 13 15.38 1.37 0.48
C LEU A 13 14.34 2.49 0.52
N GLY A 14 14.23 3.16 1.66
CA GLY A 14 13.26 4.26 1.83
C GLY A 14 13.46 5.04 3.12
N ARG A 15 13.08 6.31 3.09
CA ARG A 15 13.23 7.18 4.26
C ARG A 15 12.01 8.07 4.44
N GLY A 16 11.13 7.68 5.36
CA GLY A 16 10.00 8.51 5.77
C GLY A 16 10.31 9.32 7.02
N GLY A 17 9.32 10.09 7.48
CA GLY A 17 9.39 10.74 8.79
C GLY A 17 9.31 9.71 9.91
N PHE A 18 8.59 8.62 9.64
CA PHE A 18 8.50 7.47 10.54
C PHE A 18 9.89 6.89 10.85
N GLY A 19 10.48 6.22 9.86
CA GLY A 19 11.81 5.63 10.01
C GLY A 19 12.55 5.41 8.70
N VAL A 20 13.39 4.37 8.70
CA VAL A 20 14.24 4.05 7.55
C VAL A 20 14.12 2.57 7.26
N VAL A 21 14.20 2.22 5.99
CA VAL A 21 14.21 0.82 5.58
C VAL A 21 15.50 0.48 4.85
N PHE A 22 16.17 -0.59 5.27
CA PHE A 22 17.43 -1.02 4.70
C PHE A 22 17.34 -2.42 4.10
N GLU A 23 18.01 -2.63 2.98
CA GLU A 23 18.28 -3.99 2.54
C GLU A 23 19.50 -4.51 3.29
N ALA A 24 19.36 -5.64 3.96
CA ALA A 24 20.46 -6.23 4.70
C ALA A 24 20.48 -7.75 4.59
N LYS A 25 21.69 -8.32 4.47
CA LYS A 25 21.88 -9.76 4.37
C LYS A 25 22.21 -10.34 5.74
N ASN A 26 21.39 -11.26 6.22
CA ASN A 26 21.67 -12.01 7.44
C ASN A 26 22.89 -12.92 7.22
N LYS A 27 23.91 -12.77 8.06
CA LYS A 27 25.17 -13.52 7.90
C LYS A 27 25.00 -15.02 8.07
N VAL A 28 24.08 -15.43 8.94
CA VAL A 28 23.87 -16.84 9.25
C VAL A 28 23.04 -17.54 8.16
N ASP A 29 21.98 -16.90 7.68
CA ASP A 29 21.12 -17.54 6.69
C ASP A 29 21.35 -17.10 5.23
N ASP A 30 22.18 -16.07 5.05
CA ASP A 30 22.61 -15.58 3.73
C ASP A 30 21.51 -14.97 2.85
N CYS A 31 20.30 -14.83 3.39
CA CYS A 31 19.19 -14.18 2.69
C CYS A 31 19.22 -12.67 2.89
N ASN A 32 18.69 -11.94 1.91
CA ASN A 32 18.53 -10.51 2.00
C ASN A 32 17.14 -10.15 2.52
N TYR A 33 17.08 -9.10 3.35
CA TYR A 33 15.83 -8.71 3.99
C TYR A 33 15.61 -7.20 3.90
N ALA A 34 14.37 -6.78 4.09
CA ALA A 34 14.04 -5.38 4.25
C ALA A 34 13.89 -5.13 5.74
N ILE A 35 14.70 -4.22 6.28
CA ILE A 35 14.69 -3.97 7.71
C ILE A 35 14.38 -2.52 8.03
N LYS A 36 13.22 -2.31 8.66
CA LYS A 36 12.80 -0.98 9.05
C LYS A 36 13.28 -0.66 10.46
N ARG A 37 13.93 0.49 10.60
CA ARG A 37 14.36 1.01 11.89
C ARG A 37 13.50 2.24 12.23
N ILE A 38 12.93 2.21 13.43
CA ILE A 38 12.05 3.28 13.89
C ILE A 38 12.59 3.87 15.18
N ARG A 39 12.63 5.19 15.27
CA ARG A 39 12.97 5.85 16.53
C ARG A 39 11.77 5.66 17.46
N LEU A 40 12.03 5.15 18.66
CA LEU A 40 10.99 4.89 19.64
C LEU A 40 10.78 6.12 20.52
N PRO A 41 9.51 6.48 20.79
CA PRO A 41 9.18 7.65 21.61
C PRO A 41 9.72 7.51 23.03
N ASN A 42 10.21 8.62 23.58
CA ASN A 42 10.74 8.65 24.93
C ASN A 42 9.64 8.49 25.97
N ARG A 43 8.46 9.05 25.69
CA ARG A 43 7.32 8.97 26.60
C ARG A 43 6.79 7.55 26.78
N GLU A 44 6.32 7.27 27.99
CA GLU A 44 5.92 5.94 28.44
C GLU A 44 4.69 5.37 27.71
N LEU A 45 3.62 6.17 27.64
CA LEU A 45 2.36 5.74 27.03
C LEU A 45 2.46 5.56 25.51
N ALA A 46 3.26 6.39 24.86
CA ALA A 46 3.47 6.31 23.41
C ALA A 46 4.29 5.09 23.03
N ARG A 47 5.22 4.69 23.91
CA ARG A 47 6.03 3.49 23.72
C ARG A 47 5.19 2.22 23.84
N GLU A 48 4.31 2.18 24.84
CA GLU A 48 3.40 1.04 25.04
C GLU A 48 2.47 0.83 23.84
N LYS A 49 1.97 1.93 23.27
CA LYS A 49 1.13 1.88 22.07
C LYS A 49 1.84 1.17 20.92
N VAL A 50 3.07 1.59 20.66
CA VAL A 50 3.90 1.04 19.58
C VAL A 50 4.22 -0.44 19.81
N MET A 51 4.52 -0.80 21.05
CA MET A 51 4.84 -2.18 21.39
C MET A 51 3.64 -3.11 21.25
N ARG A 52 2.44 -2.58 21.46
CA ARG A 52 1.20 -3.34 21.24
C ARG A 52 0.90 -3.48 19.75
N GLU A 53 1.24 -2.42 19.01
CA GLU A 53 1.09 -2.41 17.57
C GLU A 53 1.94 -3.51 16.92
N VAL A 54 3.18 -3.64 17.38
CA VAL A 54 4.10 -4.68 16.88
C VAL A 54 3.53 -6.07 17.12
N LYS A 55 2.99 -6.30 18.32
CA LYS A 55 2.43 -7.60 18.69
C LYS A 55 1.19 -7.97 17.89
N ALA A 56 0.44 -6.97 17.45
CA ALA A 56 -0.71 -7.19 16.59
C ALA A 56 -0.27 -7.52 15.16
N LEU A 57 0.69 -6.76 14.63
CA LEU A 57 1.14 -6.98 13.25
C LEU A 57 1.82 -8.34 13.07
N ALA A 58 2.60 -8.76 14.05
CA ALA A 58 3.31 -10.05 14.01
C ALA A 58 2.40 -11.28 13.86
N LYS A 59 1.14 -11.14 14.24
CA LYS A 59 0.18 -12.23 14.10
C LYS A 59 -0.37 -12.35 12.67
N LEU A 60 -0.07 -11.36 11.83
CA LEU A 60 -0.67 -11.29 10.50
C LEU A 60 0.01 -12.19 9.47
N GLU A 61 -0.81 -13.06 8.87
CA GLU A 61 -0.38 -13.98 7.81
C GLU A 61 -1.43 -13.93 6.70
N HIS A 62 -1.01 -13.46 5.52
CA HIS A 62 -1.91 -13.34 4.37
C HIS A 62 -1.11 -13.27 3.08
N PRO A 63 -1.64 -13.82 1.98
CA PRO A 63 -0.97 -13.78 0.66
C PRO A 63 -0.61 -12.36 0.17
N GLY A 64 -1.34 -11.34 0.65
CA GLY A 64 -1.12 -9.96 0.21
C GLY A 64 -0.44 -9.08 1.23
N ILE A 65 0.14 -9.70 2.25
CA ILE A 65 0.85 -8.98 3.31
C ILE A 65 2.28 -9.49 3.39
N VAL A 66 3.25 -8.56 3.43
CA VAL A 66 4.67 -8.93 3.40
C VAL A 66 5.01 -9.83 4.58
N ARG A 67 5.69 -10.94 4.29
CA ARG A 67 6.08 -11.94 5.29
C ARG A 67 6.97 -11.33 6.38
N TYR A 68 6.59 -11.54 7.64
CA TYR A 68 7.33 -11.04 8.81
C TYR A 68 8.36 -12.08 9.31
N PHE A 69 9.52 -11.60 9.78
CA PHE A 69 10.57 -12.48 10.31
C PHE A 69 10.92 -12.23 11.77
N ASN A 70 11.32 -11.01 12.09
CA ASN A 70 11.73 -10.64 13.45
C ASN A 70 11.54 -9.18 13.80
N ALA A 71 11.43 -8.92 15.11
CA ALA A 71 11.39 -7.57 15.64
C ALA A 71 12.22 -7.54 16.91
N TRP A 72 13.00 -6.48 17.10
CA TRP A 72 13.79 -6.32 18.32
C TRP A 72 14.08 -4.85 18.64
N LEU A 73 14.59 -4.63 19.85
CA LEU A 73 14.97 -3.29 20.30
C LEU A 73 16.48 -3.17 20.50
N GLU A 74 16.99 -1.95 20.29
CA GLU A 74 18.40 -1.62 20.50
C GLU A 74 18.52 -0.20 21.07
N LYS A 75 19.45 -0.01 22.00
CA LYS A 75 19.70 1.31 22.61
C LYS A 75 20.74 2.10 21.80
N ASN A 76 20.69 3.43 21.91
CA ASN A 76 21.64 4.31 21.21
C ASN A 76 23.03 4.26 21.84
N LYS A 87 16.84 7.29 24.04
CA LYS A 87 16.87 7.05 22.61
C LYS A 87 16.99 5.56 22.28
N VAL A 88 15.86 4.95 21.92
CA VAL A 88 15.80 3.52 21.60
C VAL A 88 15.30 3.31 20.18
N TYR A 89 15.76 2.25 19.53
CA TYR A 89 15.31 1.92 18.18
C TYR A 89 14.60 0.57 18.11
N LEU A 90 13.54 0.52 17.31
CA LEU A 90 12.80 -0.69 17.04
C LEU A 90 13.11 -1.16 15.64
N TYR A 91 13.57 -2.40 15.52
CA TYR A 91 13.87 -3.02 14.24
C TYR A 91 12.78 -4.00 13.85
N ILE A 92 12.35 -3.97 12.59
CA ILE A 92 11.42 -4.96 12.05
C ILE A 92 11.96 -5.55 10.73
N GLN A 93 12.23 -6.85 10.76
CA GLN A 93 12.81 -7.57 9.63
C GLN A 93 11.72 -8.25 8.78
N MET A 94 11.57 -7.78 7.54
CA MET A 94 10.54 -8.29 6.62
C MET A 94 11.16 -8.91 5.37
N GLN A 95 10.39 -9.73 4.67
CA GLN A 95 10.80 -10.25 3.38
C GLN A 95 11.12 -9.08 2.46
N LEU A 96 12.22 -9.19 1.73
CA LEU A 96 12.60 -8.19 0.73
C LEU A 96 11.83 -8.37 -0.57
N CYS A 97 11.03 -7.38 -0.93
CA CYS A 97 10.29 -7.39 -2.20
C CYS A 97 11.16 -6.85 -3.33
N ARG A 98 10.65 -6.89 -4.56
CA ARG A 98 11.39 -6.43 -5.74
C ARG A 98 11.68 -4.94 -5.70
N LYS A 99 12.70 -4.54 -6.47
CA LYS A 99 13.05 -3.12 -6.65
C LYS A 99 11.91 -2.34 -7.30
N GLU A 100 11.31 -2.93 -8.35
CA GLU A 100 10.18 -2.33 -9.06
C GLU A 100 8.88 -2.47 -8.27
N ASN A 101 8.39 -1.34 -7.75
CA ASN A 101 7.08 -1.30 -7.10
C ASN A 101 5.98 -0.98 -8.12
N LEU A 102 4.75 -0.81 -7.66
CA LEU A 102 3.62 -0.59 -8.56
C LEU A 102 3.69 0.75 -9.32
N LYS A 103 4.28 1.77 -8.69
CA LYS A 103 4.52 3.04 -9.38
C LYS A 103 5.46 2.86 -10.57
N ASP A 104 6.55 2.12 -10.36
CA ASP A 104 7.52 1.79 -11.41
C ASP A 104 6.87 0.95 -12.51
N TRP A 105 6.05 -0.02 -12.08
CA TRP A 105 5.31 -0.89 -12.98
C TRP A 105 4.47 -0.06 -13.96
N MET A 106 3.74 0.90 -13.43
CA MET A 106 2.89 1.77 -14.25
C MET A 106 3.70 2.73 -15.13
N ASN A 107 4.82 3.23 -14.60
CA ASN A 107 5.72 4.10 -15.38
C ASN A 107 6.34 3.44 -16.61
N GLY A 108 6.63 2.14 -16.50
CA GLY A 108 7.23 1.38 -17.60
C GLY A 108 6.22 0.91 -18.63
N ARG A 109 4.94 1.13 -18.34
CA ARG A 109 3.84 0.71 -19.24
C ARG A 109 2.89 1.88 -19.51
N CYS A 110 3.23 2.69 -20.50
CA CYS A 110 2.54 3.98 -20.73
C CYS A 110 1.52 4.01 -21.87
N THR A 111 1.27 2.85 -22.50
CA THR A 111 0.26 2.78 -23.55
C THR A 111 -0.86 1.84 -23.11
N ILE A 112 -2.01 1.92 -23.79
CA ILE A 112 -3.17 1.07 -23.47
C ILE A 112 -2.85 -0.42 -23.67
N GLU A 113 -2.16 -0.74 -24.77
CA GLU A 113 -1.76 -2.11 -25.08
C GLU A 113 -0.91 -2.75 -23.98
N GLU A 114 -0.06 -1.94 -23.35
CA GLU A 114 0.78 -2.40 -22.25
C GLU A 114 0.02 -2.63 -20.96
N ARG A 115 -1.19 -2.08 -20.87
CA ARG A 115 -2.01 -2.24 -19.66
C ARG A 115 -3.26 -3.11 -19.92
N GLU A 116 -3.03 -4.42 -20.06
CA GLU A 116 -4.09 -5.39 -20.31
C GLU A 116 -5.09 -5.46 -19.16
N ARG A 117 -6.38 -5.39 -19.49
CA ARG A 117 -7.45 -5.37 -18.48
C ARG A 117 -7.29 -6.45 -17.42
N SER A 118 -7.16 -7.71 -17.85
CA SER A 118 -7.03 -8.85 -16.95
C SER A 118 -5.89 -8.72 -15.95
N VAL A 119 -4.71 -8.34 -16.43
CA VAL A 119 -3.53 -8.22 -15.58
C VAL A 119 -3.74 -7.14 -14.54
N CYS A 120 -4.28 -6.01 -14.98
CA CYS A 120 -4.55 -4.87 -14.10
C CYS A 120 -5.53 -5.22 -12.98
N LEU A 121 -6.64 -5.86 -13.35
CA LEU A 121 -7.65 -6.29 -12.37
C LEU A 121 -7.13 -7.37 -11.40
N HIS A 122 -6.35 -8.32 -11.91
CA HIS A 122 -5.69 -9.33 -11.06
C HIS A 122 -4.76 -8.67 -10.04
N ILE A 123 -4.08 -7.60 -10.46
CA ILE A 123 -3.28 -6.80 -9.53
C ILE A 123 -4.17 -6.13 -8.50
N PHE A 124 -5.21 -5.41 -8.96
CA PHE A 124 -6.06 -4.68 -8.03
C PHE A 124 -6.77 -5.61 -7.05
N LEU A 125 -7.21 -6.76 -7.53
CA LEU A 125 -7.91 -7.74 -6.70
C LEU A 125 -7.07 -8.20 -5.50
N GLN A 126 -5.78 -8.44 -5.74
CA GLN A 126 -4.87 -8.85 -4.68
C GLN A 126 -4.70 -7.76 -3.63
N ILE A 127 -4.59 -6.51 -4.08
CA ILE A 127 -4.57 -5.37 -3.17
C ILE A 127 -5.86 -5.33 -2.34
N ALA A 128 -7.01 -5.43 -3.03
CA ALA A 128 -8.33 -5.35 -2.39
C ALA A 128 -8.57 -6.48 -1.40
N GLU A 129 -8.06 -7.67 -1.72
CA GLU A 129 -8.15 -8.81 -0.81
C GLU A 129 -7.27 -8.65 0.43
N ALA A 130 -6.12 -8.01 0.29
CA ALA A 130 -5.26 -7.71 1.42
C ALA A 130 -5.92 -6.72 2.38
N VAL A 131 -6.54 -5.68 1.80
CA VAL A 131 -7.30 -4.68 2.56
C VAL A 131 -8.51 -5.31 3.28
N GLU A 132 -9.24 -6.17 2.58
CA GLU A 132 -10.41 -6.84 3.20
C GLU A 132 -9.99 -7.65 4.43
N PHE A 133 -8.85 -8.34 4.32
CA PHE A 133 -8.31 -9.14 5.40
C PHE A 133 -8.00 -8.29 6.64
N LEU A 134 -7.39 -7.11 6.42
CA LEU A 134 -7.06 -6.21 7.52
C LEU A 134 -8.32 -5.63 8.15
N HIS A 135 -9.25 -5.15 7.33
CA HIS A 135 -10.52 -4.66 7.83
C HIS A 135 -11.25 -5.69 8.70
N SER A 136 -11.27 -6.95 8.26
CA SER A 136 -11.95 -8.00 9.03
C SER A 136 -11.28 -8.26 10.38
N LYS A 137 -9.99 -7.89 10.49
CA LYS A 137 -9.26 -8.00 11.74
C LYS A 137 -9.38 -6.75 12.62
N GLY A 138 -10.05 -5.73 12.13
CA GLY A 138 -10.19 -4.48 12.87
C GLY A 138 -9.03 -3.53 12.63
N LEU A 139 -8.29 -3.76 11.55
CA LEU A 139 -7.14 -2.92 11.20
C LEU A 139 -7.42 -2.15 9.94
N MET A 140 -6.76 -1.02 9.78
CA MET A 140 -6.77 -0.32 8.50
C MET A 140 -5.34 -0.14 8.01
N HIS A 141 -5.20 0.14 6.72
CA HIS A 141 -3.88 0.31 6.14
C HIS A 141 -3.37 1.75 6.23
N ARG A 142 -4.18 2.70 5.77
CA ARG A 142 -3.87 4.14 5.89
C ARG A 142 -2.88 4.70 4.85
N ASP A 143 -2.10 3.83 4.22
CA ASP A 143 -0.99 4.28 3.38
C ASP A 143 -0.91 3.56 2.03
N LEU A 144 -2.07 3.37 1.38
CA LEU A 144 -2.14 2.68 0.09
C LEU A 144 -1.86 3.66 -1.04
N LYS A 145 -0.76 3.41 -1.74
CA LYS A 145 -0.35 4.21 -2.90
C LYS A 145 0.61 3.35 -3.71
N PRO A 146 0.74 3.63 -5.02
CA PRO A 146 1.55 2.76 -5.88
C PRO A 146 3.02 2.62 -5.48
N SER A 147 3.62 3.64 -4.88
CA SER A 147 5.02 3.53 -4.44
C SER A 147 5.17 2.69 -3.17
N ASN A 148 4.02 2.37 -2.55
CA ASN A 148 3.97 1.54 -1.35
C ASN A 148 3.13 0.27 -1.62
N ILE A 149 3.21 -0.22 -2.85
CA ILE A 149 2.66 -1.52 -3.21
C ILE A 149 3.76 -2.28 -3.94
N PHE A 150 4.01 -3.52 -3.50
CA PHE A 150 5.21 -4.23 -3.92
C PHE A 150 4.92 -5.55 -4.63
N PHE A 151 5.97 -6.14 -5.20
CA PHE A 151 5.94 -7.46 -5.81
C PHE A 151 7.01 -8.33 -5.18
N THR A 152 6.65 -9.55 -4.79
CA THR A 152 7.64 -10.50 -4.30
C THR A 152 8.51 -10.94 -5.46
N MET A 153 9.59 -11.68 -5.17
CA MET A 153 10.42 -12.22 -6.25
C MET A 153 9.63 -13.17 -7.16
N ASP A 154 8.67 -13.91 -6.59
N ASP A 154 8.66 -13.87 -6.56
CA ASP A 154 7.82 -14.79 -7.37
CA ASP A 154 7.75 -14.81 -7.23
C ASP A 154 6.52 -14.11 -7.81
C ASP A 154 6.50 -14.11 -7.78
N ASP A 155 6.58 -12.80 -7.98
CA ASP A 155 5.48 -11.98 -8.57
C ASP A 155 4.15 -11.81 -7.83
N VAL A 156 4.10 -12.14 -6.55
CA VAL A 156 2.89 -11.91 -5.76
C VAL A 156 2.82 -10.44 -5.36
N VAL A 157 1.64 -9.84 -5.52
CA VAL A 157 1.42 -8.43 -5.17
C VAL A 157 1.32 -8.28 -3.66
N LYS A 158 2.06 -7.33 -3.11
CA LYS A 158 2.03 -7.10 -1.68
C LYS A 158 1.69 -5.65 -1.34
N VAL A 159 0.72 -5.52 -0.46
CA VAL A 159 0.43 -4.26 0.18
C VAL A 159 1.66 -3.83 1.01
N GLY A 160 1.99 -2.53 0.96
CA GLY A 160 3.24 -2.07 1.53
C GLY A 160 3.27 -1.82 3.02
N ASP A 161 4.27 -1.03 3.44
CA ASP A 161 4.47 -0.65 4.83
C ASP A 161 3.23 0.04 5.39
N PHE A 162 2.88 -0.31 6.64
CA PHE A 162 1.76 0.30 7.34
C PHE A 162 1.88 0.02 8.83
N GLY A 163 1.02 0.66 9.61
CA GLY A 163 0.80 0.27 10.99
C GLY A 163 1.33 1.21 12.05
N LEU A 164 2.59 1.60 11.93
CA LEU A 164 3.27 2.28 13.05
C LEU A 164 3.38 3.79 12.88
N GLY A 192 5.52 12.31 1.87
CA GLY A 192 4.79 11.60 0.82
C GLY A 192 3.58 12.35 0.31
N THR A 193 3.07 11.96 -0.86
CA THR A 193 1.90 12.63 -1.42
C THR A 193 0.65 12.31 -0.63
N LYS A 194 -0.31 13.20 -0.76
CA LYS A 194 -1.62 13.03 -0.17
C LYS A 194 -2.60 12.72 -1.30
N LEU A 195 -2.03 12.40 -2.46
CA LEU A 195 -2.80 12.20 -3.69
C LEU A 195 -3.81 11.07 -3.58
N TYR A 196 -3.49 10.06 -2.77
CA TYR A 196 -4.34 8.89 -2.63
C TYR A 196 -5.06 8.91 -1.29
N MET A 197 -4.89 10.01 -0.56
CA MET A 197 -5.39 10.14 0.79
C MET A 197 -6.80 10.74 0.80
N SER A 198 -7.74 10.07 1.48
CA SER A 198 -9.13 10.53 1.56
C SER A 198 -9.22 11.95 2.14
N PRO A 199 -10.25 12.71 1.74
CA PRO A 199 -10.39 14.07 2.27
C PRO A 199 -10.40 14.14 3.81
N GLU A 200 -11.16 13.25 4.48
CA GLU A 200 -11.22 13.30 5.95
C GLU A 200 -9.86 13.06 6.61
N GLN A 201 -9.06 12.17 6.02
CA GLN A 201 -7.72 11.84 6.49
C GLN A 201 -6.74 13.01 6.29
N ILE A 202 -6.94 13.77 5.21
CA ILE A 202 -6.16 14.96 4.94
C ILE A 202 -6.46 16.04 5.97
N HIS A 203 -7.74 16.25 6.27
CA HIS A 203 -8.16 17.34 7.16
C HIS A 203 -7.98 17.07 8.64
N GLY A 204 -7.49 15.89 8.98
CA GLY A 204 -7.24 15.51 10.37
C GLY A 204 -8.54 15.23 11.11
N ASN A 205 -9.59 14.96 10.34
CA ASN A 205 -10.87 14.58 10.90
C ASN A 205 -10.83 13.13 11.35
N SER A 206 -11.72 12.76 12.26
CA SER A 206 -11.91 11.36 12.65
C SER A 206 -12.21 10.57 11.40
N TYR A 207 -11.86 9.28 11.42
CA TYR A 207 -12.01 8.44 10.25
C TYR A 207 -12.01 6.95 10.55
N SER A 208 -12.48 6.16 9.58
CA SER A 208 -12.61 4.73 9.71
C SER A 208 -11.88 4.00 8.57
N HIS A 209 -12.01 2.68 8.54
CA HIS A 209 -11.45 1.83 7.50
C HIS A 209 -11.85 2.28 6.08
N LYS A 210 -12.92 3.07 5.99
CA LYS A 210 -13.40 3.63 4.73
C LYS A 210 -12.36 4.50 4.01
N VAL A 211 -11.31 4.92 4.73
CA VAL A 211 -10.24 5.70 4.11
C VAL A 211 -9.48 4.89 3.08
N ASP A 212 -9.36 3.58 3.32
CA ASP A 212 -8.64 2.68 2.44
C ASP A 212 -9.38 2.50 1.13
N ILE A 213 -10.71 2.61 1.18
CA ILE A 213 -11.54 2.40 -0.01
C ILE A 213 -11.34 3.54 -1.00
N PHE A 214 -11.26 4.75 -0.47
CA PHE A 214 -10.96 5.92 -1.28
C PHE A 214 -9.65 5.70 -2.04
N SER A 215 -8.62 5.31 -1.31
CA SER A 215 -7.32 4.98 -1.91
C SER A 215 -7.46 3.91 -2.98
N LEU A 216 -8.30 2.90 -2.72
CA LEU A 216 -8.51 1.82 -3.67
C LEU A 216 -9.10 2.34 -4.99
N GLY A 217 -10.04 3.26 -4.91
CA GLY A 217 -10.69 3.82 -6.10
C GLY A 217 -9.68 4.42 -7.06
N LEU A 218 -8.86 5.33 -6.54
CA LEU A 218 -7.85 6.00 -7.35
C LEU A 218 -6.85 5.04 -7.98
N ILE A 219 -6.49 3.99 -7.23
CA ILE A 219 -5.55 2.99 -7.72
C ILE A 219 -6.18 2.18 -8.85
N LEU A 220 -7.46 1.86 -8.72
CA LEU A 220 -8.15 1.16 -9.80
C LEU A 220 -8.18 2.00 -11.07
N PHE A 221 -8.57 3.26 -10.95
CA PHE A 221 -8.54 4.14 -12.11
C PHE A 221 -7.14 4.16 -12.70
N GLU A 222 -6.14 4.46 -11.88
CA GLU A 222 -4.76 4.60 -12.34
C GLU A 222 -4.22 3.36 -13.03
N LEU A 223 -4.63 2.18 -12.58
CA LEU A 223 -4.24 0.93 -13.22
C LEU A 223 -4.79 0.78 -14.65
N LEU A 224 -6.02 1.26 -14.84
CA LEU A 224 -6.70 1.13 -16.12
C LEU A 224 -6.44 2.28 -17.11
N TYR A 225 -5.89 3.39 -16.61
CA TYR A 225 -5.68 4.59 -17.44
C TYR A 225 -4.22 5.04 -17.39
N PRO A 226 -3.41 4.59 -18.38
CA PRO A 226 -1.99 4.95 -18.44
C PRO A 226 -1.75 6.42 -18.81
N PHE A 227 -0.58 6.94 -18.46
CA PHE A 227 -0.24 8.34 -18.67
C PHE A 227 1.01 8.52 -19.53
N SER A 228 1.00 9.54 -20.38
CA SER A 228 2.17 9.88 -21.19
C SER A 228 3.29 10.52 -20.36
N THR A 229 2.90 11.41 -19.45
CA THR A 229 3.84 12.27 -18.74
C THR A 229 3.43 12.36 -17.28
N GLN A 230 4.33 12.84 -16.43
CA GLN A 230 4.03 12.94 -14.99
C GLN A 230 3.00 14.03 -14.69
N MET A 231 3.06 15.12 -15.46
CA MET A 231 2.14 16.23 -15.26
C MET A 231 0.71 15.88 -15.66
N GLU A 232 0.56 15.10 -16.73
CA GLU A 232 -0.75 14.57 -17.11
C GLU A 232 -1.34 13.72 -15.99
N ARG A 233 -0.49 12.89 -15.36
CA ARG A 233 -0.90 12.03 -14.25
C ARG A 233 -1.55 12.82 -13.11
N VAL A 234 -0.87 13.87 -12.68
CA VAL A 234 -1.33 14.69 -11.56
C VAL A 234 -2.56 15.53 -11.95
N ARG A 235 -2.53 16.09 -13.15
CA ARG A 235 -3.68 16.82 -13.70
C ARG A 235 -4.96 15.98 -13.71
N THR A 236 -4.86 14.74 -14.17
CA THR A 236 -6.01 13.85 -14.33
C THR A 236 -6.47 13.26 -13.00
N LEU A 237 -5.51 12.82 -12.18
CA LEU A 237 -5.84 12.21 -10.89
C LEU A 237 -6.55 13.19 -9.94
N THR A 238 -6.11 14.44 -9.94
CA THR A 238 -6.76 15.44 -9.09
C THR A 238 -8.19 15.70 -9.56
N ASP A 239 -8.42 15.63 -10.87
CA ASP A 239 -9.78 15.67 -11.41
C ASP A 239 -10.64 14.46 -10.99
N VAL A 240 -10.05 13.27 -11.08
CA VAL A 240 -10.75 12.03 -10.71
C VAL A 240 -11.13 12.04 -9.22
N ARG A 241 -10.23 12.54 -8.37
CA ARG A 241 -10.56 12.80 -6.94
C ARG A 241 -11.82 13.66 -6.79
N ASN A 242 -12.03 14.57 -7.74
CA ASN A 242 -13.18 15.47 -7.72
C ASN A 242 -14.32 14.92 -8.58
N LEU A 243 -14.27 13.62 -8.85
CA LEU A 243 -15.28 12.91 -9.66
C LEU A 243 -15.43 13.44 -11.11
N LYS A 244 -14.32 13.86 -11.70
CA LYS A 244 -14.32 14.30 -13.09
C LYS A 244 -13.45 13.37 -13.93
N PHE A 245 -14.10 12.61 -14.80
CA PHE A 245 -13.46 11.48 -15.47
C PHE A 245 -13.19 11.76 -16.94
N PRO A 246 -12.03 11.29 -17.45
CA PRO A 246 -11.80 11.33 -18.89
C PRO A 246 -12.87 10.51 -19.61
N PRO A 247 -13.54 11.11 -20.62
CA PRO A 247 -14.64 10.45 -21.33
C PRO A 247 -14.27 9.11 -21.99
N LEU A 248 -12.99 8.93 -22.33
CA LEU A 248 -12.50 7.66 -22.88
C LEU A 248 -12.46 6.53 -21.84
N PHE A 249 -12.34 6.89 -20.55
CA PHE A 249 -12.35 5.90 -19.48
C PHE A 249 -13.77 5.38 -19.22
N THR A 250 -14.73 6.30 -19.16
CA THR A 250 -16.13 5.96 -18.89
C THR A 250 -16.76 5.12 -20.00
N GLN A 251 -16.30 5.31 -21.23
N GLN A 251 -16.30 5.33 -21.23
CA GLN A 251 -16.80 4.57 -22.38
CA GLN A 251 -16.78 4.56 -22.38
C GLN A 251 -16.16 3.18 -22.51
C GLN A 251 -16.17 3.17 -22.41
N LYS A 252 -14.85 3.10 -22.22
CA LYS A 252 -14.11 1.84 -22.30
C LYS A 252 -14.34 0.96 -21.07
N TYR A 253 -14.54 1.59 -19.91
CA TYR A 253 -14.70 0.85 -18.66
C TYR A 253 -15.95 1.26 -17.87
N PRO A 254 -17.15 1.06 -18.48
CA PRO A 254 -18.39 1.53 -17.86
C PRO A 254 -18.66 1.00 -16.43
N CYS A 255 -18.39 -0.29 -16.21
CA CYS A 255 -18.68 -0.91 -14.92
C CYS A 255 -17.74 -0.41 -13.83
N GLU A 256 -16.45 -0.47 -14.11
CA GLU A 256 -15.44 -0.05 -13.13
C GLU A 256 -15.43 1.46 -12.92
N TYR A 257 -15.95 2.22 -13.88
CA TYR A 257 -16.18 3.65 -13.70
C TYR A 257 -17.19 3.91 -12.56
N VAL A 258 -18.34 3.25 -12.62
CA VAL A 258 -19.36 3.35 -11.59
C VAL A 258 -18.79 2.95 -10.23
N MET A 259 -17.99 1.89 -10.24
CA MET A 259 -17.33 1.40 -9.05
C MET A 259 -16.37 2.44 -8.48
N VAL A 260 -15.50 2.98 -9.33
CA VAL A 260 -14.52 3.98 -8.89
C VAL A 260 -15.26 5.20 -8.33
N GLN A 261 -16.32 5.60 -9.04
CA GLN A 261 -17.18 6.70 -8.62
C GLN A 261 -17.68 6.51 -7.19
N ASP A 262 -18.16 5.31 -6.88
CA ASP A 262 -18.64 4.99 -5.53
C ASP A 262 -17.52 5.07 -4.49
N MET A 263 -16.41 4.40 -4.77
CA MET A 263 -15.28 4.36 -3.83
C MET A 263 -14.75 5.74 -3.53
N LEU A 264 -15.01 6.69 -4.42
CA LEU A 264 -14.50 8.05 -4.25
C LEU A 264 -15.52 9.05 -3.69
N SER A 265 -16.54 8.57 -3.00
CA SER A 265 -17.49 9.46 -2.35
C SER A 265 -16.81 10.36 -1.33
N PRO A 266 -17.13 11.67 -1.35
CA PRO A 266 -16.66 12.59 -0.32
C PRO A 266 -17.13 12.12 1.06
N SER A 267 -18.28 11.46 1.09
CA SER A 267 -18.87 10.97 2.31
C SER A 267 -18.48 9.51 2.53
N PRO A 268 -17.63 9.24 3.55
CA PRO A 268 -17.09 7.89 3.75
C PRO A 268 -18.14 6.79 3.92
N MET A 269 -19.29 7.11 4.49
CA MET A 269 -20.37 6.12 4.69
C MET A 269 -20.81 5.46 3.39
N GLU A 270 -20.80 6.22 2.31
CA GLU A 270 -21.30 5.81 1.02
C GLU A 270 -20.35 4.89 0.26
N ARG A 271 -19.07 4.91 0.64
CA ARG A 271 -18.08 4.04 0.01
C ARG A 271 -18.39 2.60 0.37
N PRO A 272 -18.31 1.68 -0.61
CA PRO A 272 -18.63 0.28 -0.34
C PRO A 272 -17.57 -0.41 0.52
N GLU A 273 -17.95 -1.51 1.16
CA GLU A 273 -17.01 -2.33 1.91
C GLU A 273 -16.07 -3.06 0.95
N ALA A 274 -14.87 -3.36 1.43
CA ALA A 274 -13.88 -4.06 0.61
C ALA A 274 -14.43 -5.39 0.08
N ILE A 275 -15.23 -6.08 0.88
CA ILE A 275 -15.84 -7.35 0.48
C ILE A 275 -16.77 -7.17 -0.71
N ASN A 276 -17.55 -6.08 -0.73
N ASN A 276 -17.52 -6.07 -0.74
CA ASN A 276 -18.47 -5.78 -1.82
CA ASN A 276 -18.49 -5.80 -1.80
C ASN A 276 -17.71 -5.57 -3.12
C ASN A 276 -17.83 -5.33 -3.10
N ILE A 277 -16.57 -4.90 -3.01
CA ILE A 277 -15.72 -4.59 -4.15
C ILE A 277 -15.16 -5.89 -4.73
N ILE A 278 -14.62 -6.73 -3.84
CA ILE A 278 -14.10 -8.03 -4.22
C ILE A 278 -15.15 -8.91 -4.91
N GLU A 279 -16.39 -8.85 -4.44
CA GLU A 279 -17.46 -9.70 -4.98
C GLU A 279 -18.16 -9.08 -6.20
N ASN A 280 -17.69 -7.91 -6.62
CA ASN A 280 -18.26 -7.22 -7.77
C ASN A 280 -18.10 -8.03 -9.06
N ALA A 281 -19.05 -7.85 -9.97
CA ALA A 281 -19.11 -8.56 -11.24
C ALA A 281 -17.91 -8.32 -12.17
N VAL A 282 -17.22 -7.20 -12.02
CA VAL A 282 -16.06 -6.92 -12.89
C VAL A 282 -14.92 -7.93 -12.70
N PHE A 283 -14.92 -8.60 -11.55
CA PHE A 283 -13.94 -9.66 -11.27
C PHE A 283 -14.48 -11.07 -11.50
N GLU A 284 -15.53 -11.21 -12.31
CA GLU A 284 -16.17 -12.51 -12.60
C GLU A 284 -15.18 -13.57 -13.09
N ASP A 285 -14.46 -13.28 -14.17
CA ASP A 285 -13.46 -14.20 -14.72
C ASP A 285 -12.03 -13.71 -14.42
N1 924 B . 9.29 -5.36 2.24
C2 924 B . 9.92 -4.45 1.41
N3 924 B . 10.60 -4.92 0.36
C4 924 B . 11.23 -4.07 -0.46
C5 924 B . 11.25 -2.71 -0.31
C6 924 B . 10.57 -2.25 0.77
S7 924 B . 10.42 -0.59 1.22
C8 924 B . 9.45 -0.99 2.58
C9 924 B . 9.24 -2.35 2.70
C10 924 B . 8.40 -2.79 3.78
C11 924 B . 7.18 -3.41 3.49
C12 924 B . 6.32 -3.80 4.49
C13 924 B . 6.71 -3.57 5.79
N14 924 B . 6.03 -3.86 6.98
C15 924 B . 6.82 -3.43 8.11
C16 924 B . 8.10 -2.82 7.55
C17 924 B . 7.90 -2.97 6.08
C18 924 B . 8.77 -2.57 5.10
C19 924 B . 4.69 -4.22 7.05
O20 924 B . 4.03 -4.64 6.12
C21 924 B . 4.08 -4.09 8.41
C22 924 B . 4.06 -5.44 9.06
C23 924 B . 4.91 -5.70 10.11
C24 924 B . 4.91 -6.95 10.72
C25 924 B . 4.05 -7.92 10.26
C26 924 B . 3.20 -7.66 9.21
C27 924 B . 3.20 -6.42 8.60
C28 924 B . 9.89 -3.09 1.66
#